data_9H45
#
_entry.id   9H45
#
_cell.length_a   116.250
_cell.length_b   67.150
_cell.length_c   84.580
_cell.angle_alpha   90.00
_cell.angle_beta   104.64
_cell.angle_gamma   90.00
#
_symmetry.space_group_name_H-M   'C 1 2 1'
#
loop_
_entity.id
_entity.type
_entity.pdbx_description
1 polymer 'RNA-binding protein Hfq'
2 polymer "RNA (5'-R(P*AP*AP*AP*AP*AP*AP*AP*AP*AP*AP*AP*AP*AP*AP*AP*AP*AP*A)-3')"
3 water water
#
loop_
_entity_poly.entity_id
_entity_poly.type
_entity_poly.pdbx_seq_one_letter_code
_entity_poly.pdbx_strand_id
1 'polypeptide(L)'
;MAKGQSLQDPFLNALRRERVPASIYLVNGIKLQGQIESFDQFVILLKNTVSQMVYKHAISTVVPSRPVSHHSNNAGGGTS
SNYHHGSSAQNTSAQQDSEETE
;
A,B,C,D,E,F
2 'polyribonucleotide' AAAAAAAAAAAAAAAAAA Q
#
# COMPACT_ATOMS: atom_id res chain seq x y z
N GLN A 5 1.59 24.60 4.11
CA GLN A 5 0.76 24.10 3.02
C GLN A 5 1.55 23.11 2.17
N SER A 6 1.09 22.86 0.95
CA SER A 6 1.68 21.83 0.11
C SER A 6 2.93 22.33 -0.60
N LEU A 7 3.82 21.39 -0.90
CA LEU A 7 5.03 21.66 -1.65
C LEU A 7 5.22 20.69 -2.81
N GLN A 8 4.29 19.76 -3.03
CA GLN A 8 4.40 18.83 -4.14
C GLN A 8 4.15 19.51 -5.48
N ASP A 9 3.13 20.38 -5.52
CA ASP A 9 2.81 21.05 -6.78
C ASP A 9 3.96 21.88 -7.31
N PRO A 10 4.62 22.73 -6.51
CA PRO A 10 5.76 23.50 -7.07
C PRO A 10 6.91 22.62 -7.53
N PHE A 11 7.19 21.53 -6.81
CA PHE A 11 8.28 20.66 -7.22
C PHE A 11 8.05 20.06 -8.60
N LEU A 12 6.84 19.54 -8.82
CA LEU A 12 6.51 19.00 -10.15
C LEU A 12 6.37 20.12 -11.16
N ASN A 13 5.81 21.26 -10.74
CA ASN A 13 5.68 22.40 -11.66
C ASN A 13 7.04 22.93 -12.09
N ALA A 14 8.05 22.82 -11.22
CA ALA A 14 9.39 23.25 -11.60
C ALA A 14 9.96 22.39 -12.71
N LEU A 15 9.66 21.09 -12.67
CA LEU A 15 10.17 20.17 -13.69
C LEU A 15 9.37 20.29 -14.98
N ARG A 16 8.04 20.28 -14.87
CA ARG A 16 7.19 20.47 -16.04
C ARG A 16 7.50 21.78 -16.75
N ARG A 17 7.68 22.86 -15.99
CA ARG A 17 7.97 24.16 -16.60
C ARG A 17 9.31 24.16 -17.30
N GLU A 18 10.37 23.77 -16.58
CA GLU A 18 11.72 23.84 -17.12
C GLU A 18 12.05 22.71 -18.08
N ARG A 19 11.11 21.79 -18.31
CA ARG A 19 11.29 20.72 -19.30
C ARG A 19 12.51 19.85 -19.00
N VAL A 20 12.81 19.66 -17.72
CA VAL A 20 13.97 18.88 -17.32
C VAL A 20 13.59 17.40 -17.28
N PRO A 21 14.41 16.51 -17.84
CA PRO A 21 14.09 15.07 -17.75
C PRO A 21 14.05 14.62 -16.29
N ALA A 22 13.15 13.69 -16.00
CA ALA A 22 12.88 13.26 -14.63
C ALA A 22 12.78 11.75 -14.57
N SER A 23 13.17 11.20 -13.42
CA SER A 23 13.06 9.78 -13.13
C SER A 23 12.04 9.56 -12.03
N ILE A 24 11.06 8.72 -12.27
CA ILE A 24 10.03 8.38 -11.29
C ILE A 24 10.27 6.93 -10.89
N TYR A 25 10.86 6.72 -9.71
CA TYR A 25 11.05 5.39 -9.18
C TYR A 25 9.75 4.93 -8.51
N LEU A 26 9.24 3.78 -8.94
CA LEU A 26 7.99 3.27 -8.42
C LEU A 26 8.22 2.49 -7.13
N VAL A 27 7.12 2.18 -6.43
CA VAL A 27 7.20 1.47 -5.17
C VAL A 27 7.75 0.07 -5.32
N ASN A 28 7.86 -0.44 -6.55
CA ASN A 28 8.40 -1.76 -6.81
C ASN A 28 9.80 -1.70 -7.42
N GLY A 29 10.40 -0.51 -7.50
CA GLY A 29 11.76 -0.35 -7.97
C GLY A 29 11.87 0.11 -9.41
N ILE A 30 10.84 -0.11 -10.23
CA ILE A 30 10.93 0.25 -11.63
C ILE A 30 11.08 1.76 -11.77
N LYS A 31 12.03 2.17 -12.61
CA LYS A 31 12.35 3.57 -12.82
C LYS A 31 11.73 4.04 -14.12
N LEU A 32 10.79 4.98 -14.04
CA LEU A 32 10.17 5.59 -15.21
C LEU A 32 10.94 6.86 -15.59
N GLN A 33 11.46 6.91 -16.81
CA GLN A 33 12.19 8.06 -17.30
C GLN A 33 11.33 8.79 -18.32
N GLY A 34 11.27 10.11 -18.21
CA GLY A 34 10.49 10.90 -19.15
C GLY A 34 10.41 12.35 -18.73
N GLN A 35 9.29 12.98 -19.05
CA GLN A 35 9.06 14.39 -18.76
C GLN A 35 7.70 14.55 -18.10
N ILE A 36 7.66 15.30 -17.00
CA ILE A 36 6.40 15.61 -16.35
C ILE A 36 5.59 16.50 -17.28
N GLU A 37 4.50 15.96 -17.82
CA GLU A 37 3.63 16.72 -18.71
C GLU A 37 2.47 17.38 -17.98
N SER A 38 1.96 16.75 -16.93
CA SER A 38 0.87 17.30 -16.15
C SER A 38 0.73 16.45 -14.90
N PHE A 39 -0.07 16.94 -13.96
CA PHE A 39 -0.33 16.18 -12.74
C PHE A 39 -1.56 16.75 -12.07
N ASP A 40 -2.20 15.92 -11.25
CA ASP A 40 -3.35 16.32 -10.46
C ASP A 40 -3.18 15.72 -9.07
N GLN A 41 -4.30 15.62 -8.33
CA GLN A 41 -4.20 15.14 -6.95
C GLN A 41 -3.65 13.72 -6.87
N PHE A 42 -3.94 12.89 -7.88
CA PHE A 42 -3.68 11.46 -7.76
C PHE A 42 -2.75 10.88 -8.83
N VAL A 43 -2.51 11.59 -9.94
CA VAL A 43 -1.71 11.04 -11.02
C VAL A 43 -0.78 12.10 -11.59
N ILE A 44 0.26 11.62 -12.26
CA ILE A 44 1.17 12.44 -13.05
C ILE A 44 1.29 11.82 -14.43
N LEU A 45 1.27 12.66 -15.46
CA LEU A 45 1.43 12.20 -16.84
C LEU A 45 2.91 12.30 -17.22
N LEU A 46 3.53 11.15 -17.47
CA LEU A 46 4.91 11.08 -17.92
C LEU A 46 4.92 10.91 -19.43
N LYS A 47 5.77 11.66 -20.12
CA LYS A 47 5.81 11.72 -21.56
C LYS A 47 7.14 11.20 -22.08
N ASN A 48 7.08 10.36 -23.12
CA ASN A 48 8.26 9.89 -23.83
C ASN A 48 7.82 9.49 -25.24
N THR A 49 7.85 8.19 -25.56
CA THR A 49 7.28 7.74 -26.82
C THR A 49 5.77 7.96 -26.85
N VAL A 50 5.11 7.76 -25.71
CA VAL A 50 3.70 8.08 -25.53
C VAL A 50 3.54 8.72 -24.15
N SER A 51 2.37 9.31 -23.94
CA SER A 51 2.05 9.97 -22.67
C SER A 51 1.27 9.00 -21.80
N GLN A 52 1.90 8.52 -20.73
CA GLN A 52 1.32 7.55 -19.82
C GLN A 52 0.89 8.22 -18.52
N MET A 53 -0.05 7.59 -17.83
CA MET A 53 -0.61 8.09 -16.58
C MET A 53 -0.09 7.25 -15.43
N VAL A 54 0.64 7.88 -14.52
CA VAL A 54 1.26 7.21 -13.38
C VAL A 54 0.49 7.59 -12.12
N TYR A 55 0.07 6.58 -11.36
CA TYR A 55 -0.66 6.82 -10.12
C TYR A 55 0.32 7.22 -9.01
N LYS A 56 -0.03 8.27 -8.26
CA LYS A 56 0.88 8.79 -7.25
C LYS A 56 1.13 7.78 -6.15
N HIS A 57 0.14 6.93 -5.85
CA HIS A 57 0.31 5.99 -4.75
C HIS A 57 1.32 4.90 -5.06
N ALA A 58 1.63 4.67 -6.33
CA ALA A 58 2.60 3.67 -6.74
C ALA A 58 3.97 4.28 -7.04
N ILE A 59 4.19 5.55 -6.71
CA ILE A 59 5.49 6.18 -6.85
C ILE A 59 6.16 6.24 -5.49
N SER A 60 7.48 6.01 -5.47
CA SER A 60 8.27 6.22 -4.26
C SER A 60 9.03 7.54 -4.29
N THR A 61 9.69 7.85 -5.42
CA THR A 61 10.45 9.09 -5.53
C THR A 61 10.27 9.68 -6.93
N VAL A 62 10.60 10.96 -7.04
CA VAL A 62 10.69 11.67 -8.30
C VAL A 62 12.02 12.43 -8.28
N VAL A 63 12.97 11.98 -9.09
CA VAL A 63 14.33 12.53 -9.08
C VAL A 63 14.51 13.39 -10.34
N PRO A 64 14.89 14.66 -10.21
CA PRO A 64 15.24 15.44 -11.40
C PRO A 64 16.59 15.01 -11.95
N SER A 65 16.69 14.99 -13.29
CA SER A 65 17.93 14.58 -13.93
C SER A 65 19.07 15.55 -13.64
N ARG A 66 18.80 16.78 -13.27
CA ARG A 66 19.85 17.75 -12.92
C ARG A 66 19.26 18.67 -11.86
N PRO A 67 20.08 19.34 -11.04
CA PRO A 67 19.57 20.25 -10.03
C PRO A 67 18.57 21.22 -10.66
N VAL A 68 17.53 21.63 -9.94
CA VAL A 68 16.47 22.55 -10.47
C VAL A 68 16.25 23.65 -9.45
N SER A 69 16.14 24.91 -9.91
CA SER A 69 15.98 26.06 -9.03
C SER A 69 14.84 25.84 -8.04
N SER B 6 -8.96 15.28 -11.43
CA SER B 6 -9.45 16.33 -12.31
C SER B 6 -9.02 16.08 -13.75
N LEU B 7 -8.03 15.20 -13.92
CA LEU B 7 -7.55 14.85 -15.25
C LEU B 7 -7.38 13.34 -15.45
N GLN B 8 -7.60 12.53 -14.40
CA GLN B 8 -7.54 11.08 -14.58
C GLN B 8 -8.65 10.60 -15.50
N ASP B 9 -9.86 11.12 -15.33
CA ASP B 9 -10.99 10.68 -16.14
C ASP B 9 -10.79 10.99 -17.62
N PRO B 10 -10.48 12.22 -18.03
CA PRO B 10 -10.25 12.48 -19.46
C PRO B 10 -9.22 11.55 -20.08
N PHE B 11 -8.19 11.18 -19.33
CA PHE B 11 -7.19 10.23 -19.84
C PHE B 11 -7.84 8.88 -20.15
N LEU B 12 -8.36 8.21 -19.12
CA LEU B 12 -8.99 6.93 -19.33
C LEU B 12 -10.12 7.03 -20.34
N ASN B 13 -10.92 8.09 -20.25
CA ASN B 13 -12.05 8.24 -21.16
C ASN B 13 -11.59 8.27 -22.61
N ALA B 14 -10.51 8.99 -22.90
CA ALA B 14 -9.98 9.01 -24.26
C ALA B 14 -9.64 7.60 -24.73
N LEU B 15 -9.08 6.78 -23.85
CA LEU B 15 -8.78 5.40 -24.22
C LEU B 15 -10.05 4.63 -24.54
N ARG B 16 -11.17 5.00 -23.91
CA ARG B 16 -12.43 4.34 -24.20
C ARG B 16 -13.02 4.81 -25.52
N ARG B 17 -13.00 6.12 -25.79
CA ARG B 17 -13.50 6.62 -27.05
C ARG B 17 -12.78 5.97 -28.23
N GLU B 18 -11.45 6.04 -28.23
CA GLU B 18 -10.66 5.57 -29.37
C GLU B 18 -10.62 4.05 -29.47
N ARG B 19 -10.95 3.34 -28.38
CA ARG B 19 -10.87 1.88 -28.37
C ARG B 19 -9.43 1.42 -28.61
N VAL B 20 -8.48 2.11 -27.99
CA VAL B 20 -7.07 1.82 -28.21
C VAL B 20 -6.60 0.77 -27.21
N PRO B 21 -5.86 -0.26 -27.63
CA PRO B 21 -5.31 -1.21 -26.67
C PRO B 21 -4.38 -0.52 -25.69
N ALA B 22 -4.45 -0.93 -24.42
CA ALA B 22 -3.64 -0.33 -23.37
C ALA B 22 -2.85 -1.43 -22.67
N SER B 23 -1.94 -1.01 -21.80
CA SER B 23 -1.11 -1.93 -21.01
C SER B 23 -1.08 -1.40 -19.59
N ILE B 24 -1.87 -2.02 -18.72
CA ILE B 24 -1.93 -1.64 -17.31
C ILE B 24 -0.85 -2.40 -16.55
N TYR B 25 0.07 -1.66 -15.96
CA TYR B 25 1.12 -2.24 -15.12
C TYR B 25 0.68 -2.14 -13.67
N LEU B 26 0.66 -3.29 -12.99
CA LEU B 26 0.24 -3.34 -11.59
C LEU B 26 1.42 -3.02 -10.68
N VAL B 27 1.11 -2.75 -9.41
CA VAL B 27 2.15 -2.39 -8.46
C VAL B 27 3.22 -3.45 -8.33
N ASN B 28 2.93 -4.69 -8.75
CA ASN B 28 3.88 -5.79 -8.69
C ASN B 28 4.54 -6.07 -10.04
N GLY B 29 4.41 -5.15 -10.99
CA GLY B 29 5.08 -5.28 -12.27
C GLY B 29 4.32 -6.05 -13.31
N ILE B 30 3.25 -6.77 -12.93
CA ILE B 30 2.48 -7.52 -13.92
C ILE B 30 1.86 -6.55 -14.92
N LYS B 31 1.89 -6.94 -16.19
CA LYS B 31 1.42 -6.11 -17.29
C LYS B 31 0.13 -6.70 -17.85
N LEU B 32 -0.99 -6.05 -17.54
CA LEU B 32 -2.28 -6.43 -18.10
C LEU B 32 -2.56 -5.62 -19.35
N GLN B 33 -3.22 -6.25 -20.31
CA GLN B 33 -3.46 -5.62 -21.62
C GLN B 33 -4.89 -5.88 -22.05
N GLY B 34 -5.54 -4.83 -22.53
CA GLY B 34 -6.91 -4.95 -22.99
C GLY B 34 -7.48 -3.62 -23.45
N GLN B 35 -8.77 -3.40 -23.20
CA GLN B 35 -9.45 -2.18 -23.59
C GLN B 35 -10.20 -1.61 -22.39
N ILE B 36 -10.02 -0.32 -22.15
CA ILE B 36 -10.79 0.37 -21.11
C ILE B 36 -12.23 0.46 -21.57
N GLU B 37 -13.09 -0.38 -20.98
CA GLU B 37 -14.51 -0.33 -21.31
C GLU B 37 -15.30 0.61 -20.40
N SER B 38 -14.80 0.79 -19.20
CA SER B 38 -15.52 1.60 -18.19
C SER B 38 -14.63 1.77 -16.94
N PHE B 39 -15.00 2.69 -16.06
CA PHE B 39 -14.27 2.89 -14.79
C PHE B 39 -15.10 3.77 -13.86
N ASP B 40 -14.70 3.82 -12.60
CA ASP B 40 -15.39 4.64 -11.58
C ASP B 40 -14.28 5.17 -10.67
N GLN B 41 -14.63 5.68 -9.50
CA GLN B 41 -13.64 6.28 -8.57
C GLN B 41 -12.59 5.26 -8.13
N PHE B 42 -12.96 3.98 -8.01
CA PHE B 42 -12.04 2.98 -7.41
C PHE B 42 -11.54 1.90 -8.33
N VAL B 43 -12.14 1.68 -9.49
CA VAL B 43 -11.73 0.52 -10.33
C VAL B 43 -11.82 0.84 -11.83
N ILE B 44 -11.11 0.04 -12.64
CA ILE B 44 -11.12 0.17 -14.12
C ILE B 44 -11.47 -1.20 -14.72
N LEU B 45 -12.58 -1.29 -15.44
CA LEU B 45 -12.97 -2.52 -16.11
C LEU B 45 -12.20 -2.65 -17.41
N LEU B 46 -11.38 -3.70 -17.51
CA LEU B 46 -10.59 -3.99 -18.71
C LEU B 46 -11.19 -5.17 -19.44
N LYS B 47 -10.95 -5.24 -20.75
CA LYS B 47 -11.55 -6.27 -21.59
C LYS B 47 -10.49 -6.94 -22.45
N ASN B 48 -10.69 -8.23 -22.67
CA ASN B 48 -9.94 -8.97 -23.68
C ASN B 48 -10.74 -10.23 -24.03
N THR B 49 -10.57 -11.31 -23.26
CA THR B 49 -11.46 -12.47 -23.35
C THR B 49 -12.71 -12.28 -22.49
N VAL B 50 -12.52 -11.89 -21.24
CA VAL B 50 -13.62 -11.56 -20.34
C VAL B 50 -13.43 -10.14 -19.84
N SER B 51 -14.38 -9.65 -19.05
CA SER B 51 -14.30 -8.33 -18.43
C SER B 51 -13.82 -8.52 -16.99
N GLN B 52 -12.58 -8.12 -16.72
CA GLN B 52 -12.00 -8.21 -15.40
C GLN B 52 -11.98 -6.84 -14.73
N MET B 53 -12.21 -6.83 -13.42
CA MET B 53 -12.25 -5.60 -12.64
C MET B 53 -10.90 -5.37 -11.99
N VAL B 54 -10.29 -4.23 -12.26
CA VAL B 54 -8.96 -3.88 -11.76
C VAL B 54 -9.09 -2.72 -10.79
N TYR B 55 -8.67 -2.95 -9.55
CA TYR B 55 -8.65 -1.87 -8.56
C TYR B 55 -7.56 -0.86 -8.90
N LYS B 56 -7.91 0.42 -8.84
CA LYS B 56 -6.93 1.46 -9.15
C LYS B 56 -5.82 1.51 -8.11
N HIS B 57 -6.11 1.15 -6.85
CA HIS B 57 -5.09 1.20 -5.81
C HIS B 57 -3.94 0.23 -6.07
N ALA B 58 -4.11 -0.71 -7.00
CA ALA B 58 -3.07 -1.68 -7.34
C ALA B 58 -2.46 -1.44 -8.71
N ILE B 59 -2.87 -0.39 -9.42
CA ILE B 59 -2.32 -0.08 -10.74
C ILE B 59 -1.15 0.87 -10.57
N SER B 60 -0.02 0.53 -11.17
CA SER B 60 1.14 1.41 -11.13
C SER B 60 1.23 2.35 -12.32
N THR B 61 0.74 1.92 -13.48
CA THR B 61 0.82 2.75 -14.68
C THR B 61 -0.26 2.30 -15.68
N VAL B 62 -0.70 3.25 -16.49
CA VAL B 62 -1.60 2.99 -17.62
C VAL B 62 -0.93 3.57 -18.86
N VAL B 63 -0.55 2.71 -19.79
CA VAL B 63 0.18 3.11 -20.99
C VAL B 63 -0.71 2.88 -22.21
N PRO B 64 -1.10 3.91 -22.95
CA PRO B 64 -1.74 3.68 -24.26
C PRO B 64 -0.75 3.07 -25.24
N SER B 65 -1.25 2.13 -26.04
CA SER B 65 -0.40 1.45 -27.01
C SER B 65 0.07 2.39 -28.12
N ARG B 66 -0.56 3.56 -28.25
CA ARG B 66 -0.22 4.50 -29.30
C ARG B 66 -0.71 5.88 -28.90
N PRO B 67 -0.12 6.95 -29.43
CA PRO B 67 -0.52 8.29 -29.01
C PRO B 67 -1.96 8.60 -29.42
N VAL B 68 -2.67 9.30 -28.54
CA VAL B 68 -4.08 9.61 -28.72
C VAL B 68 -4.27 11.11 -28.58
N SER C 6 2.81 16.59 16.72
CA SER C 6 2.86 15.19 16.31
C SER C 6 4.20 14.57 16.70
N LEU C 7 4.41 13.32 16.30
CA LEU C 7 5.66 12.61 16.55
C LEU C 7 6.55 12.52 15.32
N GLN C 8 6.15 13.13 14.22
CA GLN C 8 6.98 13.17 13.01
C GLN C 8 7.29 14.57 12.54
N ASP C 9 6.41 15.55 12.78
CA ASP C 9 6.75 16.93 12.47
C ASP C 9 7.98 17.39 13.23
N PRO C 10 8.08 17.19 14.55
CA PRO C 10 9.33 17.57 15.25
C PRO C 10 10.48 16.63 14.96
N PHE C 11 10.21 15.35 14.68
CA PHE C 11 11.28 14.40 14.42
C PHE C 11 12.04 14.78 13.15
N LEU C 12 11.32 14.97 12.05
CA LEU C 12 11.97 15.38 10.81
C LEU C 12 12.70 16.70 10.99
N ASN C 13 12.14 17.61 11.78
CA ASN C 13 12.74 18.94 11.95
C ASN C 13 14.08 18.84 12.66
N ALA C 14 14.23 17.90 13.60
CA ALA C 14 15.53 17.71 14.23
C ALA C 14 16.58 17.39 13.18
N LEU C 15 16.25 16.54 12.21
CA LEU C 15 17.15 16.26 11.09
C LEU C 15 17.20 17.43 10.11
N ARG C 16 16.15 18.25 10.06
CA ARG C 16 16.15 19.40 9.16
C ARG C 16 16.98 20.55 9.69
N ARG C 17 17.16 20.64 11.01
CA ARG C 17 17.85 21.75 11.66
C ARG C 17 19.32 21.44 11.93
N GLU C 18 19.63 20.25 12.44
CA GLU C 18 21.00 19.92 12.81
C GLU C 18 21.85 19.47 11.64
N ARG C 19 21.27 19.35 10.45
CA ARG C 19 22.02 18.92 9.26
C ARG C 19 22.73 17.60 9.51
N VAL C 20 21.98 16.63 10.03
CA VAL C 20 22.52 15.29 10.26
C VAL C 20 22.21 14.43 9.05
N PRO C 21 23.19 13.74 8.46
CA PRO C 21 22.88 12.82 7.36
C PRO C 21 21.88 11.76 7.80
N ALA C 22 20.90 11.50 6.94
CA ALA C 22 19.80 10.59 7.27
C ALA C 22 19.73 9.47 6.26
N SER C 23 19.06 8.39 6.65
CA SER C 23 18.80 7.25 5.80
C SER C 23 17.30 6.99 5.77
N ILE C 24 16.73 6.94 4.57
CA ILE C 24 15.31 6.66 4.37
C ILE C 24 15.19 5.31 3.70
N TYR C 25 14.60 4.34 4.42
CA TYR C 25 14.34 3.03 3.86
C TYR C 25 12.93 3.01 3.25
N LEU C 26 12.84 2.54 2.02
CA LEU C 26 11.57 2.47 1.32
C LEU C 26 10.88 1.14 1.61
N VAL C 27 9.59 1.09 1.28
CA VAL C 27 8.80 -0.11 1.54
C VAL C 27 9.35 -1.32 0.81
N ASN C 28 10.22 -1.12 -0.19
CA ASN C 28 10.80 -2.20 -0.96
C ASN C 28 12.24 -2.49 -0.56
N GLY C 29 12.70 -1.95 0.58
CA GLY C 29 14.02 -2.24 1.09
C GLY C 29 15.10 -1.29 0.63
N ILE C 30 14.85 -0.48 -0.39
CA ILE C 30 15.86 0.44 -0.89
C ILE C 30 16.18 1.47 0.19
N LYS C 31 17.48 1.70 0.40
CA LYS C 31 17.94 2.67 1.38
C LYS C 31 18.38 3.94 0.65
N LEU C 32 17.64 5.02 0.92
CA LEU C 32 17.98 6.38 0.47
C LEU C 32 18.96 6.98 1.50
N GLN C 33 19.75 7.98 1.10
CA GLN C 33 20.73 8.63 1.99
C GLN C 33 20.90 10.09 1.53
N GLY C 34 20.85 11.02 2.45
CA GLY C 34 21.03 12.43 2.14
C GLY C 34 20.71 13.27 3.33
N GLN C 35 19.96 14.36 3.17
CA GLN C 35 19.64 15.29 4.27
C GLN C 35 18.22 15.80 4.07
N ILE C 36 17.46 15.85 5.14
CA ILE C 36 16.06 16.32 5.07
C ILE C 36 16.19 17.79 4.70
N GLU C 37 15.76 18.15 3.52
CA GLU C 37 15.75 19.55 3.10
C GLU C 37 14.46 20.15 3.66
N SER C 38 13.29 19.57 3.35
CA SER C 38 11.96 19.99 3.85
C SER C 38 10.93 18.86 3.75
N PHE C 39 9.67 19.17 4.13
CA PHE C 39 8.62 18.12 4.20
C PHE C 39 7.27 18.78 4.39
N ASP C 40 6.21 18.02 4.13
CA ASP C 40 4.83 18.47 4.33
C ASP C 40 4.01 17.22 4.64
N GLN C 41 2.70 17.29 4.56
CA GLN C 41 1.80 16.17 4.93
C GLN C 41 2.09 14.91 4.10
N PHE C 42 2.51 15.05 2.84
CA PHE C 42 2.68 13.88 1.94
C PHE C 42 4.09 13.60 1.50
N VAL C 43 5.05 14.51 1.63
CA VAL C 43 6.38 14.26 1.01
C VAL C 43 7.58 14.74 1.84
N ILE C 44 8.76 14.22 1.50
CA ILE C 44 10.03 14.66 2.11
C ILE C 44 10.97 14.95 0.96
N LEU C 45 11.73 16.03 1.00
CA LEU C 45 12.77 16.24 -0.03
C LEU C 45 14.10 15.74 0.53
N LEU C 46 14.72 14.82 -0.16
CA LEU C 46 16.04 14.27 0.21
C LEU C 46 17.08 14.90 -0.71
N LYS C 47 18.20 15.31 -0.14
CA LYS C 47 19.21 16.07 -0.90
C LYS C 47 20.54 15.33 -1.03
N ASN C 48 21.17 15.51 -2.16
CA ASN C 48 22.51 14.95 -2.40
C ASN C 48 23.01 15.65 -3.69
N THR C 49 23.09 14.97 -4.84
CA THR C 49 23.45 15.63 -6.13
C THR C 49 22.27 16.53 -6.48
N VAL C 50 21.06 15.97 -6.52
CA VAL C 50 19.83 16.77 -6.70
C VAL C 50 18.90 16.65 -5.48
N SER C 51 17.91 17.52 -5.39
CA SER C 51 16.86 17.46 -4.35
C SER C 51 15.68 16.64 -4.88
N GLN C 52 15.58 15.37 -4.51
CA GLN C 52 14.49 14.47 -4.96
C GLN C 52 13.33 14.47 -4.01
N MET C 53 12.15 14.15 -4.52
CA MET C 53 10.91 14.18 -3.72
C MET C 53 10.50 12.74 -3.38
N VAL C 54 10.63 12.39 -2.12
CA VAL C 54 10.31 11.04 -1.67
C VAL C 54 8.92 11.05 -1.07
N TYR C 55 8.04 10.21 -1.59
CA TYR C 55 6.67 10.13 -1.10
C TYR C 55 6.63 9.40 0.23
N LYS C 56 5.92 9.98 1.20
CA LYS C 56 5.86 9.38 2.53
C LYS C 56 5.24 7.99 2.49
N HIS C 57 4.18 7.81 1.68
CA HIS C 57 3.50 6.51 1.66
C HIS C 57 4.42 5.38 1.22
N ALA C 58 5.52 5.69 0.54
CA ALA C 58 6.51 4.69 0.18
C ALA C 58 7.63 4.58 1.20
N ILE C 59 7.54 5.31 2.31
CA ILE C 59 8.57 5.30 3.35
C ILE C 59 8.14 4.34 4.44
N SER C 60 9.05 3.44 4.82
CA SER C 60 8.86 2.60 6.00
C SER C 60 9.55 3.17 7.23
N THR C 61 10.83 3.51 7.12
CA THR C 61 11.59 4.04 8.24
C THR C 61 12.49 5.18 7.76
N VAL C 62 12.88 6.02 8.72
CA VAL C 62 13.87 7.07 8.51
C VAL C 62 14.71 7.12 9.78
N VAL C 63 15.98 6.75 9.68
CA VAL C 63 16.87 6.61 10.82
C VAL C 63 17.92 7.71 10.75
N PRO C 64 18.14 8.48 11.81
CA PRO C 64 19.29 9.40 11.83
C PRO C 64 20.60 8.63 11.86
N SER C 65 21.57 9.09 11.08
CA SER C 65 22.87 8.42 11.02
C SER C 65 23.62 8.50 12.35
N ARG C 66 23.19 9.35 13.27
CA ARG C 66 23.81 9.47 14.57
C ARG C 66 22.77 9.86 15.61
N PRO C 67 22.98 9.52 16.87
CA PRO C 67 22.06 9.99 17.92
C PRO C 67 21.91 11.50 17.86
N VAL C 68 20.67 11.96 17.94
CA VAL C 68 20.36 13.33 17.54
C VAL C 68 20.57 14.32 18.68
N LEU D 7 -18.98 0.24 -12.14
CA LEU D 7 -18.88 0.14 -10.70
C LEU D 7 -18.44 -1.26 -10.29
N GLN D 8 -18.08 -1.40 -9.02
CA GLN D 8 -17.61 -2.67 -8.49
C GLN D 8 -18.73 -3.50 -7.88
N ASP D 9 -19.79 -2.84 -7.38
CA ASP D 9 -20.91 -3.59 -6.79
C ASP D 9 -21.68 -4.34 -7.86
N PRO D 10 -22.23 -3.69 -8.89
CA PRO D 10 -22.92 -4.45 -9.94
C PRO D 10 -22.05 -5.53 -10.56
N PHE D 11 -20.73 -5.31 -10.61
CA PHE D 11 -19.83 -6.34 -11.12
C PHE D 11 -19.77 -7.53 -10.16
N LEU D 12 -19.47 -7.26 -8.88
CA LEU D 12 -19.41 -8.34 -7.90
C LEU D 12 -20.77 -9.02 -7.76
N ASN D 13 -21.85 -8.25 -7.73
CA ASN D 13 -23.18 -8.84 -7.58
C ASN D 13 -23.48 -9.84 -8.69
N LEU D 15 -21.41 -11.67 -10.52
CA LEU D 15 -20.64 -12.91 -10.26
C LEU D 15 -21.39 -13.71 -9.18
N ARG D 16 -21.76 -13.07 -8.06
CA ARG D 16 -22.51 -13.71 -6.94
C ARG D 16 -23.81 -14.32 -7.47
N ARG D 17 -24.60 -13.58 -8.25
CA ARG D 17 -25.86 -14.13 -8.77
C ARG D 17 -25.61 -15.33 -9.66
N GLU D 18 -24.87 -15.13 -10.76
CA GLU D 18 -24.67 -16.19 -11.74
C GLU D 18 -23.84 -17.35 -11.21
N ARG D 19 -23.28 -17.25 -9.99
CA ARG D 19 -22.50 -18.34 -9.33
C ARG D 19 -21.32 -18.77 -10.21
N VAL D 20 -20.72 -17.82 -10.91
CA VAL D 20 -19.54 -18.09 -11.80
C VAL D 20 -18.32 -18.35 -10.93
N PRO D 21 -17.45 -19.31 -11.25
CA PRO D 21 -16.22 -19.43 -10.48
C PRO D 21 -15.36 -18.21 -10.83
N ALA D 22 -14.62 -17.66 -9.87
CA ALA D 22 -13.82 -16.45 -10.08
C ALA D 22 -12.42 -16.55 -9.47
N SER D 23 -11.44 -15.90 -10.10
CA SER D 23 -10.07 -15.78 -9.56
C SER D 23 -9.89 -14.36 -9.03
N ILE D 24 -9.22 -14.20 -7.88
CA ILE D 24 -8.93 -12.88 -7.28
C ILE D 24 -7.41 -12.84 -7.17
N TYR D 25 -6.75 -12.13 -8.09
CA TYR D 25 -5.28 -12.00 -8.06
C TYR D 25 -4.94 -10.98 -6.97
N LEU D 26 -4.04 -11.32 -6.07
CA LEU D 26 -3.58 -10.41 -5.02
C LEU D 26 -2.45 -9.53 -5.55
N VAL D 27 -2.18 -8.46 -4.81
CA VAL D 27 -1.12 -7.54 -5.20
C VAL D 27 0.26 -8.18 -5.19
N ASN D 28 0.37 -9.40 -4.65
CA ASN D 28 1.63 -10.13 -4.63
C ASN D 28 1.67 -11.24 -5.67
N GLY D 29 0.66 -11.32 -6.55
CA GLY D 29 0.64 -12.30 -7.61
C GLY D 29 -0.10 -13.58 -7.30
N ILE D 30 -0.50 -13.79 -6.04
CA ILE D 30 -1.16 -15.03 -5.66
C ILE D 30 -2.56 -15.06 -6.27
N LYS D 31 -2.91 -16.16 -6.95
CA LYS D 31 -4.29 -16.31 -7.51
C LYS D 31 -5.14 -17.15 -6.56
N LEU D 32 -6.26 -16.59 -6.16
CA LEU D 32 -7.22 -17.30 -5.30
C LEU D 32 -8.48 -17.63 -6.11
N GLN D 33 -8.72 -18.91 -6.38
CA GLN D 33 -9.93 -19.37 -7.11
C GLN D 33 -10.99 -19.78 -6.10
N GLY D 34 -12.19 -19.27 -6.22
CA GLY D 34 -13.34 -19.64 -5.38
C GLY D 34 -14.60 -19.11 -5.98
N GLN D 35 -15.56 -18.78 -5.14
CA GLN D 35 -16.81 -18.13 -5.60
C GLN D 35 -17.15 -16.94 -4.69
N ILE D 36 -17.47 -15.79 -5.28
CA ILE D 36 -17.85 -14.56 -4.54
C ILE D 36 -19.12 -14.91 -3.78
N GLU D 37 -19.00 -15.06 -2.47
CA GLU D 37 -20.14 -15.43 -1.62
C GLU D 37 -20.81 -14.15 -1.19
N SER D 38 -20.08 -13.14 -0.74
CA SER D 38 -20.61 -11.86 -0.23
C SER D 38 -19.57 -10.73 -0.33
N PHE D 39 -19.99 -9.48 -0.16
CA PHE D 39 -19.03 -8.34 -0.13
C PHE D 39 -19.66 -7.15 0.59
N ASP D 40 -18.80 -6.24 1.02
CA ASP D 40 -19.24 -4.98 1.67
C ASP D 40 -18.21 -3.93 1.26
N GLN D 41 -18.13 -2.80 1.95
CA GLN D 41 -17.29 -1.68 1.56
C GLN D 41 -15.82 -2.07 1.45
N PHE D 42 -15.35 -2.97 2.31
CA PHE D 42 -13.93 -3.23 2.44
C PHE D 42 -13.49 -4.63 2.04
N VAL D 43 -14.37 -5.63 2.11
CA VAL D 43 -13.93 -7.01 1.94
C VAL D 43 -14.89 -7.78 1.04
N ILE D 44 -14.39 -8.90 0.53
CA ILE D 44 -15.19 -9.87 -0.21
C ILE D 44 -14.91 -11.25 0.39
N LEU D 45 -15.97 -12.00 0.66
CA LEU D 45 -15.81 -13.39 1.18
C LEU D 45 -15.81 -14.35 -0.01
N LEU D 46 -14.74 -15.11 -0.17
CA LEU D 46 -14.59 -16.11 -1.26
C LEU D 46 -14.80 -17.52 -0.69
N LYS D 47 -15.50 -18.40 -1.40
CA LYS D 47 -15.78 -19.79 -0.92
C LYS D 47 -15.07 -20.87 -1.75
N ASN D 48 -14.48 -21.88 -1.11
CA ASN D 48 -13.89 -23.01 -1.83
C ASN D 48 -13.90 -24.24 -0.96
N THR D 49 -13.15 -24.22 0.13
CA THR D 49 -13.28 -25.20 1.21
C THR D 49 -13.89 -24.59 2.46
N VAL D 50 -13.50 -23.36 2.80
CA VAL D 50 -14.16 -22.55 3.81
C VAL D 50 -14.43 -21.18 3.18
N SER D 51 -15.29 -20.40 3.82
CA SER D 51 -15.56 -19.05 3.38
C SER D 51 -14.47 -18.14 3.95
N GLN D 52 -13.52 -17.75 3.12
CA GLN D 52 -12.39 -16.95 3.56
C GLN D 52 -12.64 -15.46 3.30
N MET D 53 -11.95 -14.64 4.06
CA MET D 53 -12.09 -13.19 4.01
C MET D 53 -10.91 -12.59 3.27
N VAL D 54 -11.18 -11.94 2.14
CA VAL D 54 -10.16 -11.32 1.31
C VAL D 54 -10.33 -9.80 1.40
N TYR D 55 -9.31 -9.11 1.90
CA TYR D 55 -9.36 -7.66 1.99
C TYR D 55 -9.20 -7.07 0.60
N LYS D 56 -10.05 -6.09 0.27
CA LYS D 56 -10.03 -5.51 -1.07
C LYS D 56 -8.75 -4.71 -1.31
N HIS D 57 -8.19 -4.09 -0.27
CA HIS D 57 -6.94 -3.34 -0.45
C HIS D 57 -5.80 -4.24 -0.90
N ALA D 58 -5.91 -5.55 -0.68
CA ALA D 58 -4.92 -6.50 -1.16
C ALA D 58 -5.28 -7.11 -2.51
N ILE D 59 -6.42 -6.71 -3.10
CA ILE D 59 -6.86 -7.25 -4.38
C ILE D 59 -6.36 -6.35 -5.49
N SER D 60 -5.82 -6.96 -6.55
CA SER D 60 -5.47 -6.23 -7.76
C SER D 60 -6.45 -6.47 -8.90
N THR D 61 -6.88 -7.73 -9.08
CA THR D 61 -7.80 -8.11 -10.18
C THR D 61 -8.81 -9.20 -9.79
N VAL D 62 -10.06 -9.03 -10.21
CA VAL D 62 -11.17 -10.02 -10.05
C VAL D 62 -11.55 -10.47 -11.47
N VAL D 63 -11.14 -11.66 -11.90
CA VAL D 63 -11.44 -12.20 -13.27
C VAL D 63 -12.54 -13.25 -13.19
N PRO D 64 -13.58 -13.15 -14.05
CA PRO D 64 -14.57 -14.18 -14.15
C PRO D 64 -13.92 -15.27 -14.99
N SER D 65 -14.22 -16.52 -14.69
CA SER D 65 -13.74 -17.67 -15.45
C SER D 65 -14.36 -17.66 -16.87
N ARG D 66 -15.44 -16.92 -17.09
CA ARG D 66 -16.14 -16.85 -18.38
C ARG D 66 -16.96 -15.57 -18.46
N PRO D 67 -17.30 -15.08 -19.66
CA PRO D 67 -18.17 -13.90 -19.76
C PRO D 67 -19.45 -14.10 -18.96
N VAL D 68 -19.85 -13.06 -18.23
CA VAL D 68 -20.91 -13.17 -17.24
C VAL D 68 -22.15 -12.44 -17.75
N SER E 6 -10.09 1.94 19.78
CA SER E 6 -9.19 1.89 20.92
C SER E 6 -8.74 0.45 21.13
N LEU E 7 -7.76 0.05 20.35
CA LEU E 7 -7.03 -1.20 20.56
C LEU E 7 -5.54 -1.01 20.34
N GLN E 8 -5.14 -0.17 19.38
CA GLN E 8 -3.72 0.09 19.17
C GLN E 8 -3.10 0.74 20.39
N ASP E 9 -3.64 1.88 20.80
CA ASP E 9 -3.05 2.68 21.88
C ASP E 9 -2.79 1.86 23.13
N PRO E 10 -3.76 1.12 23.69
CA PRO E 10 -3.45 0.27 24.85
C PRO E 10 -2.32 -0.70 24.59
N PHE E 11 -2.25 -1.27 23.38
CA PHE E 11 -1.24 -2.27 23.08
C PHE E 11 0.16 -1.65 23.12
N LEU E 12 0.41 -0.66 22.27
CA LEU E 12 1.75 -0.08 22.18
C LEU E 12 2.19 0.53 23.50
N ASN E 13 1.27 1.24 24.18
CA ASN E 13 1.62 1.87 25.45
C ASN E 13 2.07 0.83 26.48
N ALA E 14 1.53 -0.38 26.44
CA ALA E 14 1.84 -1.46 27.39
C ALA E 14 3.30 -1.87 27.21
N LEU E 15 3.77 -1.98 25.98
CA LEU E 15 5.20 -2.27 25.70
C LEU E 15 6.04 -1.04 26.05
N ARG E 16 5.52 0.18 25.86
CA ARG E 16 6.25 1.44 26.13
C ARG E 16 6.36 1.64 27.63
N ARG E 17 5.41 1.15 28.40
CA ARG E 17 5.43 1.34 29.85
C ARG E 17 6.29 0.30 30.55
N GLU E 18 6.21 -0.95 30.14
CA GLU E 18 6.98 -2.03 30.75
C GLU E 18 8.36 -2.19 30.14
N ARG E 19 8.66 -1.40 29.10
CA ARG E 19 10.01 -1.37 28.48
C ARG E 19 10.32 -2.77 27.97
N VAL E 20 9.40 -3.36 27.21
CA VAL E 20 9.56 -4.74 26.66
C VAL E 20 10.21 -4.67 25.29
N PRO E 21 11.28 -5.46 25.05
CA PRO E 21 11.88 -5.57 23.73
C PRO E 21 10.82 -6.03 22.73
N ALA E 22 10.78 -5.40 21.56
CA ALA E 22 9.72 -5.69 20.56
C ALA E 22 10.29 -5.88 19.16
N SER E 23 9.57 -6.66 18.36
CA SER E 23 9.90 -6.90 16.95
C SER E 23 8.82 -6.25 16.08
N ILE E 24 9.20 -5.33 15.19
CA ILE E 24 8.25 -4.69 14.23
C ILE E 24 8.54 -5.28 12.85
N TYR E 25 7.64 -6.13 12.38
CA TYR E 25 7.74 -6.77 11.05
C TYR E 25 7.15 -5.79 10.03
N LEU E 26 7.91 -5.31 9.08
CA LEU E 26 7.42 -4.44 8.03
C LEU E 26 6.67 -5.24 6.96
N VAL E 27 6.01 -4.52 6.05
CA VAL E 27 5.20 -5.16 5.02
C VAL E 27 6.04 -5.95 4.03
N ASN E 28 7.35 -5.73 4.00
CA ASN E 28 8.25 -6.44 3.10
C ASN E 28 9.05 -7.53 3.80
N GLY E 29 8.67 -7.90 5.02
CA GLY E 29 9.31 -8.97 5.75
C GLY E 29 10.44 -8.55 6.66
N ILE E 30 10.94 -7.32 6.53
CA ILE E 30 12.03 -6.87 7.38
C ILE E 30 11.58 -6.86 8.83
N LYS E 31 12.41 -7.41 9.70
CA LYS E 31 12.13 -7.44 11.16
C LYS E 31 13.02 -6.43 11.88
N LEU E 32 12.39 -5.40 12.40
CA LEU E 32 13.07 -4.43 13.27
C LEU E 32 12.99 -4.96 14.69
N GLN E 33 14.06 -4.82 15.47
CA GLN E 33 14.08 -5.19 16.91
C GLN E 33 14.57 -3.97 17.68
N GLY E 34 13.79 -3.51 18.65
CA GLY E 34 14.20 -2.39 19.51
C GLY E 34 13.20 -2.21 20.63
N GLN E 35 12.86 -0.98 20.95
CA GLN E 35 11.92 -0.67 22.05
C GLN E 35 10.98 0.46 21.65
N ILE E 36 9.71 0.32 22.01
CA ILE E 36 8.66 1.34 21.70
C ILE E 36 8.86 2.52 22.65
N GLU E 37 9.48 3.59 22.17
CA GLU E 37 9.69 4.83 22.95
C GLU E 37 8.44 5.72 22.91
N SER E 38 7.75 5.80 21.76
CA SER E 38 6.62 6.71 21.62
C SER E 38 5.91 6.39 20.31
N PHE E 39 4.74 6.99 20.13
CA PHE E 39 3.93 6.74 18.94
C PHE E 39 2.88 7.82 18.82
N ASP E 40 2.33 7.96 17.61
CA ASP E 40 1.23 8.87 17.35
C ASP E 40 0.36 8.24 16.27
N GLN E 41 -0.55 9.03 15.71
CA GLN E 41 -1.57 8.47 14.81
C GLN E 41 -0.95 7.71 13.64
N PHE E 42 0.19 8.18 13.13
CA PHE E 42 0.75 7.61 11.92
C PHE E 42 2.15 7.02 12.07
N VAL E 43 2.83 7.21 13.20
CA VAL E 43 4.21 6.73 13.33
C VAL E 43 4.44 6.12 14.71
N ILE E 44 5.44 5.27 14.78
CA ILE E 44 5.96 4.73 16.04
C ILE E 44 7.46 5.00 16.06
N LEU E 45 7.96 5.60 17.13
CA LEU E 45 9.39 5.89 17.31
C LEU E 45 10.03 4.70 18.03
N LEU E 46 10.84 3.94 17.31
CA LEU E 46 11.55 2.75 17.85
C LEU E 46 12.95 3.20 18.27
N LYS E 47 13.55 2.51 19.23
CA LYS E 47 14.88 2.90 19.76
C LYS E 47 15.89 1.75 19.85
N ASN E 48 17.12 2.06 19.54
CA ASN E 48 18.23 1.15 19.77
C ASN E 48 19.48 2.02 19.95
N THR E 49 20.45 1.93 19.04
CA THR E 49 21.52 2.92 19.06
C THR E 49 21.00 4.32 18.76
N VAL E 50 19.92 4.41 17.98
CA VAL E 50 19.30 5.69 17.64
C VAL E 50 17.79 5.47 17.58
N SER E 51 17.04 6.57 17.66
CA SER E 51 15.58 6.54 17.65
C SER E 51 15.11 6.75 16.21
N GLN E 52 14.79 5.65 15.53
CA GLN E 52 14.30 5.72 14.15
C GLN E 52 12.78 5.81 14.15
N MET E 53 12.26 6.50 13.13
CA MET E 53 10.83 6.73 12.99
C MET E 53 10.26 5.74 11.98
N VAL E 54 9.29 4.95 12.42
CA VAL E 54 8.66 3.92 11.58
C VAL E 54 7.23 4.34 11.30
N TYR E 55 6.88 4.39 10.02
CA TYR E 55 5.52 4.72 9.61
C TYR E 55 4.61 3.50 9.81
N LYS E 56 3.43 3.74 10.37
CA LYS E 56 2.51 2.64 10.63
C LYS E 56 2.07 1.94 9.35
N HIS E 57 1.89 2.71 8.27
CA HIS E 57 1.38 2.13 7.03
C HIS E 57 2.32 1.07 6.46
N ALA E 58 3.57 1.03 6.92
CA ALA E 58 4.54 0.05 6.43
C ALA E 58 4.79 -1.09 7.42
N ILE E 59 4.12 -1.09 8.56
CA ILE E 59 4.24 -2.17 9.52
C ILE E 59 3.12 -3.17 9.28
N SER E 60 3.44 -4.46 9.42
CA SER E 60 2.42 -5.51 9.38
C SER E 60 2.07 -6.04 10.76
N THR E 61 3.09 -6.18 11.62
CA THR E 61 2.89 -6.69 13.00
C THR E 61 3.81 -6.03 14.02
N VAL E 62 3.34 -6.00 15.27
CA VAL E 62 4.12 -5.53 16.43
C VAL E 62 4.06 -6.70 17.42
N VAL E 63 5.17 -7.38 17.61
CA VAL E 63 5.22 -8.59 18.47
C VAL E 63 6.13 -8.38 19.70
N PRO E 64 5.60 -8.57 20.92
CA PRO E 64 6.43 -8.51 22.13
C PRO E 64 7.44 -9.65 22.17
N SER E 65 8.64 -9.40 22.67
CA SER E 65 9.72 -10.41 22.87
C SER E 65 9.23 -11.51 23.79
N ARG E 66 8.30 -11.20 24.68
CA ARG E 66 7.78 -12.16 25.67
C ARG E 66 6.38 -11.69 26.06
N PRO E 67 5.55 -12.55 26.68
CA PRO E 67 4.17 -12.18 27.01
C PRO E 67 4.10 -10.91 27.86
N VAL E 68 2.98 -10.20 27.73
CA VAL E 68 2.78 -8.91 28.38
C VAL E 68 1.28 -8.69 28.56
N GLN F 5 -23.66 -2.04 5.56
CA GLN F 5 -23.71 -3.03 6.62
C GLN F 5 -22.39 -3.80 6.68
N SER F 6 -21.78 -3.83 7.86
CA SER F 6 -20.45 -4.38 8.01
C SER F 6 -20.47 -5.90 7.92
N LEU F 7 -19.71 -6.45 6.98
CA LEU F 7 -19.48 -7.88 6.87
C LEU F 7 -18.21 -8.32 7.57
N GLN F 8 -17.57 -7.42 8.32
CA GLN F 8 -16.23 -7.65 8.87
C GLN F 8 -16.27 -8.03 10.34
N ASP F 9 -16.94 -7.22 11.18
CA ASP F 9 -17.07 -7.59 12.58
C ASP F 9 -17.68 -8.98 12.75
N PRO F 10 -18.81 -9.31 12.12
CA PRO F 10 -19.38 -10.66 12.33
C PRO F 10 -18.43 -11.79 11.96
N PHE F 11 -17.69 -11.64 10.85
CA PHE F 11 -16.77 -12.69 10.44
C PHE F 11 -15.69 -12.92 11.49
N LEU F 12 -15.06 -11.83 11.96
CA LEU F 12 -14.01 -11.96 12.96
C LEU F 12 -14.58 -12.39 14.31
N ASN F 13 -15.71 -11.81 14.71
CA ASN F 13 -16.29 -12.14 16.02
C ASN F 13 -16.68 -13.61 16.09
N ALA F 14 -17.10 -14.19 14.99
CA ALA F 14 -17.47 -15.61 14.93
C ALA F 14 -16.21 -16.46 15.15
N LEU F 15 -15.10 -16.11 14.52
CA LEU F 15 -13.80 -16.81 14.71
C LEU F 15 -13.35 -16.63 16.16
N ARG F 16 -13.63 -15.47 16.76
CA ARG F 16 -13.30 -15.22 18.18
C ARG F 16 -14.25 -16.09 19.02
N ARG F 17 -15.57 -16.03 18.81
CA ARG F 17 -16.51 -16.69 19.71
CA ARG F 17 -16.51 -16.69 19.71
C ARG F 17 -16.28 -18.20 19.76
N GLU F 18 -15.98 -18.81 18.61
CA GLU F 18 -15.80 -20.26 18.55
C GLU F 18 -14.36 -20.69 18.83
N ARG F 19 -13.46 -19.75 19.11
CA ARG F 19 -12.04 -20.04 19.47
C ARG F 19 -11.49 -21.01 18.43
N VAL F 20 -11.81 -20.76 17.17
CA VAL F 20 -11.39 -21.60 16.02
C VAL F 20 -10.05 -21.08 15.52
N PRO F 21 -9.10 -21.97 15.21
CA PRO F 21 -7.82 -21.55 14.69
C PRO F 21 -7.91 -20.86 13.33
N ALA F 22 -7.00 -19.92 13.05
CA ALA F 22 -6.99 -19.15 11.80
C ALA F 22 -5.61 -18.98 11.19
N SER F 23 -5.56 -18.53 9.95
CA SER F 23 -4.32 -18.26 9.22
C SER F 23 -4.49 -16.88 8.59
N ILE F 24 -3.69 -15.89 9.00
CA ILE F 24 -3.72 -14.53 8.37
C ILE F 24 -2.59 -14.48 7.34
N TYR F 25 -2.97 -14.45 6.08
CA TYR F 25 -2.00 -14.29 4.99
C TYR F 25 -1.75 -12.78 4.85
N LEU F 26 -0.51 -12.35 4.95
CA LEU F 26 -0.14 -10.95 4.79
C LEU F 26 0.13 -10.64 3.32
N VAL F 27 0.14 -9.34 3.02
CA VAL F 27 0.28 -8.91 1.63
C VAL F 27 1.55 -9.43 0.98
N ASN F 28 2.54 -9.82 1.78
CA ASN F 28 3.80 -10.35 1.26
C ASN F 28 3.81 -11.87 1.24
N GLY F 29 2.67 -12.53 1.50
CA GLY F 29 2.57 -13.96 1.47
C GLY F 29 2.74 -14.64 2.80
N ILE F 30 3.42 -14.00 3.76
CA ILE F 30 3.64 -14.60 5.06
C ILE F 30 2.31 -15.03 5.66
N LYS F 31 2.29 -16.29 6.09
CA LYS F 31 1.07 -16.82 6.75
CA LYS F 31 1.06 -16.80 6.76
C LYS F 31 1.23 -16.90 8.28
N LEU F 32 0.46 -16.11 8.96
CA LEU F 32 0.48 -16.08 10.43
C LEU F 32 -0.70 -16.91 10.95
N GLN F 33 -0.43 -17.99 11.68
CA GLN F 33 -1.49 -18.84 12.28
C GLN F 33 -1.65 -18.53 13.77
N GLY F 34 -2.88 -18.36 14.20
CA GLY F 34 -3.17 -18.12 15.61
C GLY F 34 -4.64 -18.04 15.87
N GLN F 35 -5.02 -17.39 16.97
CA GLN F 35 -6.43 -17.24 17.36
C GLN F 35 -6.80 -15.76 17.39
N ILE F 36 -7.91 -15.43 16.74
CA ILE F 36 -8.44 -14.05 16.77
C ILE F 36 -8.91 -13.82 18.21
N GLU F 37 -8.27 -12.93 18.95
CA GLU F 37 -8.59 -12.59 20.36
C GLU F 37 -9.33 -11.26 20.49
N SER F 38 -9.20 -10.34 19.51
CA SER F 38 -9.81 -9.01 19.58
C SER F 38 -9.42 -8.28 18.31
N PHE F 39 -10.10 -7.16 18.05
CA PHE F 39 -9.87 -6.39 16.83
C PHE F 39 -10.62 -5.07 16.96
N ASP F 40 -10.14 -4.09 16.21
CA ASP F 40 -10.80 -2.79 16.14
C ASP F 40 -10.85 -2.38 14.67
N GLN F 41 -11.01 -1.08 14.43
CA GLN F 41 -11.12 -0.58 13.06
C GLN F 41 -9.84 -0.76 12.26
N PHE F 42 -8.69 -0.86 12.94
CA PHE F 42 -7.41 -0.82 12.25
C PHE F 42 -6.51 -2.03 12.51
N VAL F 43 -6.75 -2.80 13.57
CA VAL F 43 -5.84 -3.87 13.94
C VAL F 43 -6.60 -5.10 14.41
N ILE F 44 -5.98 -6.25 14.22
CA ILE F 44 -6.41 -7.52 14.79
C ILE F 44 -5.32 -7.99 15.74
N LEU F 45 -5.72 -8.64 16.82
CA LEU F 45 -4.79 -9.19 17.82
C LEU F 45 -4.77 -10.71 17.69
N LEU F 46 -3.71 -11.24 17.11
CA LEU F 46 -3.53 -12.68 16.97
C LEU F 46 -2.82 -13.23 18.19
N LYS F 47 -3.18 -14.45 18.58
CA LYS F 47 -2.74 -15.03 19.84
C LYS F 47 -2.11 -16.39 19.61
N ASN F 48 -0.91 -16.57 20.17
CA ASN F 48 -0.28 -17.88 20.35
C ASN F 48 0.21 -17.93 21.79
N THR F 49 1.52 -17.84 22.04
CA THR F 49 2.08 -17.72 23.40
C THR F 49 2.03 -16.26 23.74
N VAL F 50 2.43 -15.42 22.78
CA VAL F 50 2.40 -13.95 22.96
C VAL F 50 1.34 -13.44 21.98
N SER F 51 0.48 -12.57 22.48
CA SER F 51 -0.51 -11.93 21.62
C SER F 51 0.22 -10.83 20.85
N GLN F 52 0.17 -10.85 19.52
CA GLN F 52 0.74 -9.81 18.68
C GLN F 52 -0.36 -8.99 18.04
N MET F 53 0.00 -7.77 17.64
CA MET F 53 -0.93 -6.84 17.00
C MET F 53 -0.63 -6.79 15.52
N VAL F 54 -1.62 -7.11 14.69
CA VAL F 54 -1.48 -7.15 13.24
C VAL F 54 -2.30 -6.03 12.64
N TYR F 55 -1.67 -5.23 11.78
CA TYR F 55 -2.36 -4.14 11.11
C TYR F 55 -3.18 -4.67 9.94
N LYS F 56 -4.44 -4.28 9.87
CA LYS F 56 -5.31 -4.75 8.79
C LYS F 56 -4.74 -4.38 7.43
N HIS F 57 -4.17 -3.18 7.30
CA HIS F 57 -3.68 -2.73 6.00
C HIS F 57 -2.61 -3.65 5.44
N ALA F 58 -1.99 -4.48 6.29
CA ALA F 58 -1.01 -5.45 5.85
C ALA F 58 -1.59 -6.85 5.70
N ILE F 59 -2.88 -7.02 5.94
CA ILE F 59 -3.54 -8.31 5.81
C ILE F 59 -4.11 -8.44 4.41
N SER F 60 -3.95 -9.61 3.81
CA SER F 60 -4.55 -9.92 2.52
C SER F 60 -5.79 -10.79 2.69
N THR F 61 -5.64 -11.92 3.39
CA THR F 61 -6.74 -12.86 3.65
C THR F 61 -6.71 -13.38 5.09
N VAL F 62 -7.85 -13.41 5.75
CA VAL F 62 -8.00 -14.07 7.07
C VAL F 62 -8.85 -15.31 6.78
N VAL F 63 -8.29 -16.50 6.94
CA VAL F 63 -8.96 -17.81 6.64
C VAL F 63 -9.11 -18.69 7.89
N PRO F 64 -10.26 -19.36 8.08
CA PRO F 64 -10.42 -20.29 9.20
C PRO F 64 -9.86 -21.67 8.82
N SER F 65 -9.18 -22.31 9.74
CA SER F 65 -8.67 -23.70 9.60
C SER F 65 -9.81 -24.69 9.33
N ARG F 66 -11.06 -24.30 9.57
CA ARG F 66 -12.22 -25.15 9.31
C ARG F 66 -13.45 -24.29 9.02
N PRO F 67 -14.52 -24.85 8.42
CA PRO F 67 -15.74 -24.05 8.19
C PRO F 67 -16.34 -23.58 9.52
N VAL F 68 -16.79 -22.33 9.54
CA VAL F 68 -17.29 -21.72 10.77
C VAL F 68 -18.80 -21.51 10.71
#